data_4L18
#
_entry.id   4L18
#
_cell.length_a   66.153
_cell.length_b   100.032
_cell.length_c   72.064
_cell.angle_alpha   90.00
_cell.angle_beta   110.23
_cell.angle_gamma   90.00
#
_symmetry.space_group_name_H-M   'P 1 21 1'
#
loop_
_entity.id
_entity.type
_entity.pdbx_description
1 polymer 'Runt-related transcription factor 1'
2 polymer 'Protein C-ets-1'
3 polymer "5'-D(*GP*GP*AP*AP*GP*CP*CP*AP*CP*AP*TP*CP*CP*TP*CP*T)-3'"
4 polymer "5'-D(*CP*AP*GP*AP*GP*GP*AP*TP*GP*TP*GP*GP*CP*TP*TP*C)-3'"
5 non-polymer GLYCEROL
6 water water
#
loop_
_entity_poly.entity_id
_entity_poly.type
_entity_poly.pdbx_seq_one_letter_code
_entity_poly.pdbx_strand_id
1 'polypeptide(L)'
;DRSMVEVLADHPGELVRTDSPNFLCSVLPTHWRCNKTLPIAFKVVALGDVPDGTLVTVMAGNDENYSAELRNATAAMKNQ
VARFNDLRFVGRSGRGKSFTLTITVFTNPPQVATYHRAIKITVDGPREPRRHRQKLDDQTKPGSLSFSERLSELEQLRRT
AMRVSPH
;
A,E
2 'polypeptide(L)'
;PNHKPKGTFKDYVRDRADLNKDKPVIPAAALAGYTGSGPIQLWQFLLELLTDKSCQSFISWTGDGWEFKLSDPDEVARRW
GKRKNKPKMNYEKLSRGLRYYYDKNIIHKTAGKRYVYRFVCDLQSLLGYTPEELHAMLDVKPDADE
;
B,F
3 'polydeoxyribonucleotide' (DG)(DG)(DA)(DA)(DG)(DC)(DC)(DA)(DC)(DA)(DT)(DC)(DC)(DT)(DC)(DT) C,G
4 'polydeoxyribonucleotide' (DC)(DA)(DG)(DA)(DG)(DG)(DA)(DT)(DG)(DT)(DG)(DG)(DC)(DT)(DT)(DC) D,H
#
loop_
_chem_comp.id
_chem_comp.type
_chem_comp.name
_chem_comp.formula
DA DNA linking 2'-DEOXYADENOSINE-5'-MONOPHOSPHATE 'C10 H14 N5 O6 P'
DC DNA linking 2'-DEOXYCYTIDINE-5'-MONOPHOSPHATE 'C9 H14 N3 O7 P'
DG DNA linking 2'-DEOXYGUANOSINE-5'-MONOPHOSPHATE 'C10 H14 N5 O7 P'
DT DNA linking THYMIDINE-5'-MONOPHOSPHATE 'C10 H15 N2 O8 P'
GOL non-polymer GLYCEROL 'C3 H8 O3'
#
# COMPACT_ATOMS: atom_id res chain seq x y z
N GLU A 6 13.82 36.17 -9.47
CA GLU A 6 12.50 36.63 -8.95
C GLU A 6 11.56 36.78 -10.14
N VAL A 7 12.10 37.40 -11.19
CA VAL A 7 11.39 37.62 -12.44
C VAL A 7 12.31 37.04 -13.52
N LEU A 8 12.53 35.74 -13.42
CA LEU A 8 13.37 34.95 -14.32
C LEU A 8 12.58 33.68 -14.59
N ALA A 9 11.27 33.77 -14.36
CA ALA A 9 10.37 32.66 -14.56
C ALA A 9 9.57 32.91 -15.83
N ASP A 10 9.05 31.82 -16.39
CA ASP A 10 8.24 31.89 -17.61
C ASP A 10 7.06 32.82 -17.41
N HIS A 11 6.48 32.78 -16.23
CA HIS A 11 5.33 33.63 -15.97
C HIS A 11 5.30 34.30 -14.61
N PRO A 12 4.53 35.40 -14.52
CA PRO A 12 4.32 36.23 -13.33
C PRO A 12 3.99 35.44 -12.06
N GLY A 13 4.64 35.84 -10.97
CA GLY A 13 4.41 35.20 -9.68
C GLY A 13 4.47 33.68 -9.67
N GLU A 14 5.18 33.09 -10.63
CA GLU A 14 5.29 31.65 -10.69
C GLU A 14 6.35 31.12 -9.74
N LEU A 15 7.40 31.90 -9.53
CA LEU A 15 8.47 31.48 -8.63
C LEU A 15 8.48 32.28 -7.35
N VAL A 16 9.01 31.67 -6.30
CA VAL A 16 9.13 32.31 -5.00
C VAL A 16 10.52 32.02 -4.47
N ARG A 17 10.97 32.83 -3.52
CA ARG A 17 12.28 32.64 -2.95
C ARG A 17 12.24 31.61 -1.83
N THR A 18 13.34 30.90 -1.65
CA THR A 18 13.43 29.90 -0.58
C THR A 18 14.23 30.55 0.54
N ASP A 19 14.35 29.87 1.68
CA ASP A 19 15.11 30.43 2.79
C ASP A 19 16.59 30.60 2.41
N SER A 20 16.95 30.11 1.23
CA SER A 20 18.32 30.22 0.73
C SER A 20 18.37 31.19 -0.45
N PRO A 21 19.41 32.03 -0.49
CA PRO A 21 19.59 33.03 -1.55
C PRO A 21 19.98 32.44 -2.92
N ASN A 22 20.36 31.17 -2.92
CA ASN A 22 20.79 30.52 -4.15
C ASN A 22 19.69 29.77 -4.92
N PHE A 23 18.52 29.60 -4.32
CA PHE A 23 17.45 28.87 -4.99
C PHE A 23 16.06 29.48 -4.99
N LEU A 24 15.29 29.13 -6.03
CA LEU A 24 13.93 29.59 -6.18
C LEU A 24 13.12 28.37 -6.62
N CYS A 25 11.84 28.34 -6.27
CA CYS A 25 11.01 27.22 -6.67
C CYS A 25 9.59 27.65 -6.99
N SER A 26 8.88 26.81 -7.75
CA SER A 26 7.53 27.14 -8.11
C SER A 26 6.66 27.47 -6.90
N VAL A 27 5.64 28.29 -7.13
CA VAL A 27 4.71 28.65 -6.07
C VAL A 27 3.73 27.51 -6.06
N LEU A 28 3.47 26.94 -4.89
CA LEU A 28 2.56 25.81 -4.78
C LEU A 28 1.16 26.21 -4.37
N PRO A 29 0.15 25.44 -4.80
CA PRO A 29 -1.23 25.78 -4.42
C PRO A 29 -1.25 25.74 -2.91
N THR A 30 -1.97 26.67 -2.27
CA THR A 30 -2.01 26.65 -0.82
C THR A 30 -2.69 25.41 -0.23
N HIS A 31 -3.64 24.87 -0.97
CA HIS A 31 -4.34 23.67 -0.55
C HIS A 31 -4.54 22.80 -1.77
N TRP A 32 -4.30 21.51 -1.65
CA TRP A 32 -4.48 20.65 -2.81
C TRP A 32 -5.02 19.31 -2.38
N ARG A 33 -5.49 18.52 -3.35
CA ARG A 33 -6.04 17.20 -3.03
C ARG A 33 -4.88 16.20 -3.03
N CYS A 34 -4.90 15.20 -2.16
CA CYS A 34 -3.77 14.30 -2.17
C CYS A 34 -3.85 13.33 -3.33
N ASN A 35 -2.68 13.01 -3.86
CA ASN A 35 -2.45 12.13 -4.99
C ASN A 35 -2.96 12.74 -6.30
N LYS A 36 -3.18 14.03 -6.30
CA LYS A 36 -3.65 14.72 -7.49
C LYS A 36 -2.52 15.50 -8.12
N THR A 37 -2.44 15.46 -9.46
CA THR A 37 -1.39 16.19 -10.16
C THR A 37 -1.57 17.68 -9.88
N LEU A 38 -0.46 18.38 -9.74
CA LEU A 38 -0.47 19.79 -9.44
C LEU A 38 -0.89 20.59 -10.65
N PRO A 39 -1.39 21.81 -10.43
CA PRO A 39 -1.82 22.67 -11.53
C PRO A 39 -0.60 23.10 -12.36
N ILE A 40 0.55 23.27 -11.71
CA ILE A 40 1.75 23.66 -12.45
C ILE A 40 2.87 22.68 -12.19
N ALA A 41 3.86 22.62 -13.09
CA ALA A 41 4.99 21.70 -12.90
C ALA A 41 5.96 22.30 -11.92
N PHE A 42 6.14 21.65 -10.78
CA PHE A 42 7.04 22.18 -9.77
C PHE A 42 8.49 22.21 -10.28
N LYS A 43 9.13 23.35 -10.08
CA LYS A 43 10.50 23.57 -10.50
C LYS A 43 11.33 24.12 -9.36
N VAL A 44 12.63 23.88 -9.44
CA VAL A 44 13.58 24.39 -8.46
C VAL A 44 14.63 25.03 -9.34
N VAL A 45 14.76 26.34 -9.25
CA VAL A 45 15.71 27.09 -10.06
C VAL A 45 16.95 27.45 -9.25
N ALA A 46 18.10 27.26 -9.87
CA ALA A 46 19.36 27.57 -9.20
C ALA A 46 19.94 28.86 -9.73
N LEU A 47 20.26 29.78 -8.83
CA LEU A 47 20.83 31.06 -9.23
C LEU A 47 22.31 30.86 -9.51
N GLY A 48 22.96 30.07 -8.66
CA GLY A 48 24.38 29.80 -8.84
C GLY A 48 24.61 28.76 -9.91
N ASP A 49 25.88 28.45 -10.18
CA ASP A 49 26.22 27.46 -11.19
C ASP A 49 26.12 26.03 -10.65
N VAL A 50 25.16 25.28 -11.17
CA VAL A 50 24.96 23.90 -10.77
C VAL A 50 24.94 23.03 -12.01
N PRO A 51 25.91 22.12 -12.13
CA PRO A 51 26.06 21.21 -13.26
C PRO A 51 24.81 20.40 -13.65
N ASP A 52 24.66 20.17 -14.94
CA ASP A 52 23.52 19.42 -15.47
C ASP A 52 23.62 17.97 -15.04
N GLY A 53 22.57 17.48 -14.37
CA GLY A 53 22.57 16.11 -13.92
C GLY A 53 22.49 16.05 -12.41
N THR A 54 22.79 17.17 -11.77
CA THR A 54 22.75 17.26 -10.32
C THR A 54 21.35 16.92 -9.84
N LEU A 55 21.24 15.95 -8.92
CA LEU A 55 19.94 15.56 -8.43
C LEU A 55 19.34 16.53 -7.44
N VAL A 56 18.02 16.58 -7.40
CA VAL A 56 17.29 17.46 -6.52
C VAL A 56 16.12 16.68 -5.95
N THR A 57 15.95 16.69 -4.65
CA THR A 57 14.81 15.98 -4.09
C THR A 57 13.96 16.93 -3.27
N VAL A 58 12.75 16.49 -2.94
CA VAL A 58 11.87 17.32 -2.16
C VAL A 58 11.28 16.44 -1.10
N MET A 59 11.21 16.96 0.11
CA MET A 59 10.62 16.22 1.19
C MET A 59 9.62 17.17 1.79
N ALA A 60 8.47 16.63 2.18
CA ALA A 60 7.42 17.45 2.78
C ALA A 60 7.27 16.96 4.21
N GLY A 61 6.90 17.87 5.10
CA GLY A 61 6.72 17.49 6.48
C GLY A 61 6.32 18.63 7.38
N ASN A 62 5.95 18.29 8.60
CA ASN A 62 5.54 19.25 9.61
C ASN A 62 5.35 18.49 10.91
N ASP A 63 4.69 19.10 11.89
CA ASP A 63 4.48 18.45 13.17
C ASP A 63 3.72 17.13 13.11
N GLU A 64 2.80 17.02 12.15
CA GLU A 64 2.00 15.81 11.96
C GLU A 64 2.85 14.74 11.30
N ASN A 65 3.39 15.07 10.14
CA ASN A 65 4.24 14.14 9.42
C ASN A 65 5.66 14.63 9.34
N TYR A 66 6.55 14.02 10.11
CA TYR A 66 7.94 14.42 10.04
C TYR A 66 8.25 14.39 8.53
N SER A 67 7.80 13.33 7.87
CA SER A 67 8.01 13.20 6.42
C SER A 67 6.77 12.59 5.77
N ALA A 68 6.30 13.21 4.69
CA ALA A 68 5.10 12.75 4.03
C ALA A 68 5.36 12.03 2.72
N GLU A 69 4.62 10.96 2.48
CA GLU A 69 4.80 10.21 1.25
C GLU A 69 4.52 11.08 0.04
N LEU A 70 5.52 11.20 -0.83
CA LEU A 70 5.41 11.96 -2.05
C LEU A 70 5.60 11.01 -3.24
N ARG A 71 5.29 11.49 -4.44
CA ARG A 71 5.49 10.72 -5.66
C ARG A 71 6.25 11.64 -6.60
N ASN A 72 7.31 11.10 -7.20
CA ASN A 72 8.17 11.83 -8.13
C ASN A 72 8.87 13.01 -7.50
N ALA A 73 9.27 12.85 -6.25
CA ALA A 73 9.97 13.90 -5.52
C ALA A 73 11.46 14.02 -5.84
N THR A 74 11.87 13.54 -7.01
CA THR A 74 13.28 13.64 -7.38
C THR A 74 13.46 14.02 -8.84
N ALA A 75 14.23 15.07 -9.10
CA ALA A 75 14.48 15.48 -10.47
C ALA A 75 15.94 15.84 -10.72
N ALA A 76 16.32 15.83 -12.00
CA ALA A 76 17.68 16.15 -12.41
C ALA A 76 17.75 17.60 -12.89
N MET A 77 18.77 18.30 -12.41
CA MET A 77 19.00 19.69 -12.76
C MET A 77 19.49 19.81 -14.19
N LYS A 78 18.87 20.70 -14.96
CA LYS A 78 19.29 20.92 -16.34
C LYS A 78 19.15 22.37 -16.71
N ASN A 79 20.29 23.00 -16.95
CA ASN A 79 20.34 24.42 -17.32
C ASN A 79 19.82 25.23 -16.15
N GLN A 80 20.40 25.02 -14.97
CA GLN A 80 20.02 25.76 -13.78
C GLN A 80 18.61 25.46 -13.27
N VAL A 81 17.89 24.57 -13.95
CA VAL A 81 16.54 24.24 -13.53
C VAL A 81 16.22 22.76 -13.36
N ALA A 82 15.63 22.42 -12.22
CA ALA A 82 15.22 21.04 -11.93
C ALA A 82 13.70 20.97 -12.11
N ARG A 83 13.26 20.27 -13.15
CA ARG A 83 11.85 20.16 -13.45
C ARG A 83 11.22 18.81 -13.05
N PHE A 84 10.46 18.82 -11.96
CA PHE A 84 9.82 17.61 -11.52
C PHE A 84 8.63 17.30 -12.42
N ASN A 85 8.52 16.06 -12.83
CA ASN A 85 7.43 15.69 -13.69
C ASN A 85 6.27 15.11 -12.90
N ASP A 86 5.23 15.92 -12.75
CA ASP A 86 4.07 15.45 -12.04
C ASP A 86 4.36 15.05 -10.59
N LEU A 87 4.90 15.99 -9.82
CA LEU A 87 5.19 15.73 -8.41
C LEU A 87 3.84 15.65 -7.76
N ARG A 88 3.67 14.74 -6.80
CA ARG A 88 2.40 14.64 -6.11
C ARG A 88 2.60 14.45 -4.61
N PHE A 89 1.56 14.76 -3.85
CA PHE A 89 1.63 14.57 -2.41
C PHE A 89 0.64 13.49 -2.05
N VAL A 90 1.12 12.42 -1.41
CA VAL A 90 0.24 11.33 -1.03
C VAL A 90 -0.16 11.48 0.43
N GLY A 91 0.81 11.77 1.27
CA GLY A 91 0.53 11.93 2.69
C GLY A 91 -0.16 13.26 2.97
N ARG A 92 -1.10 13.26 3.91
CA ARG A 92 -1.85 14.48 4.26
C ARG A 92 -1.08 15.28 5.31
N SER A 93 -1.40 16.55 5.43
CA SER A 93 -0.69 17.43 6.34
C SER A 93 -1.35 17.69 7.69
N GLY A 94 -2.59 17.25 7.82
CA GLY A 94 -3.29 17.47 9.07
C GLY A 94 -4.28 18.61 8.91
N ARG A 95 -5.39 18.55 9.63
CA ARG A 95 -6.40 19.59 9.54
C ARG A 95 -5.84 20.97 9.86
N GLY A 96 -6.10 21.91 8.96
CA GLY A 96 -5.61 23.27 9.15
C GLY A 96 -4.11 23.42 9.22
N LYS A 97 -3.37 22.43 8.73
CA LYS A 97 -1.91 22.50 8.74
C LYS A 97 -1.31 22.39 7.35
N SER A 98 -0.09 22.88 7.18
CA SER A 98 0.55 22.82 5.89
C SER A 98 1.95 22.16 6.02
N PHE A 99 2.52 21.77 4.89
CA PHE A 99 3.83 21.13 4.86
C PHE A 99 4.89 22.15 4.55
N THR A 100 6.08 21.90 5.07
CA THR A 100 7.18 22.75 4.75
C THR A 100 7.93 21.85 3.80
N LEU A 101 8.50 22.41 2.75
CA LEU A 101 9.25 21.60 1.81
C LEU A 101 10.72 21.83 2.05
N THR A 102 11.50 20.77 1.94
CA THR A 102 12.94 20.88 2.09
C THR A 102 13.49 20.44 0.74
N ILE A 103 14.23 21.34 0.11
CA ILE A 103 14.81 21.06 -1.19
C ILE A 103 16.31 20.79 -1.02
N THR A 104 16.73 19.58 -1.37
CA THR A 104 18.13 19.23 -1.27
C THR A 104 18.69 19.12 -2.68
N VAL A 105 19.67 19.97 -2.97
CA VAL A 105 20.33 19.98 -4.27
C VAL A 105 21.65 19.26 -4.07
N PHE A 106 21.76 18.05 -4.62
CA PHE A 106 22.95 17.24 -4.44
C PHE A 106 24.27 17.62 -5.07
N THR A 107 24.71 18.83 -4.79
CA THR A 107 26.01 19.29 -5.26
C THR A 107 26.91 18.78 -4.15
N ASN A 108 28.22 18.98 -4.29
CA ASN A 108 29.14 18.55 -3.25
C ASN A 108 29.93 19.73 -2.73
N PRO A 109 29.70 20.12 -1.47
CA PRO A 109 28.74 19.47 -0.56
C PRO A 109 27.29 19.82 -0.89
N PRO A 110 26.34 19.05 -0.36
CA PRO A 110 24.91 19.25 -0.59
C PRO A 110 24.42 20.62 -0.13
N GLN A 111 23.37 21.12 -0.77
CA GLN A 111 22.79 22.40 -0.42
C GLN A 111 21.29 22.24 -0.10
N VAL A 112 20.88 22.79 1.03
CA VAL A 112 19.49 22.68 1.45
C VAL A 112 18.74 24.01 1.36
N ALA A 113 17.53 23.97 0.82
CA ALA A 113 16.72 25.18 0.70
C ALA A 113 15.34 24.82 1.22
N THR A 114 14.71 25.72 1.96
CA THR A 114 13.39 25.44 2.51
C THR A 114 12.31 26.42 2.09
N TYR A 115 11.10 25.88 1.95
CA TYR A 115 9.91 26.62 1.57
C TYR A 115 8.93 26.29 2.70
N HIS A 116 8.81 27.20 3.66
CA HIS A 116 7.96 27.02 4.84
C HIS A 116 6.48 27.21 4.59
N ARG A 117 5.65 26.46 5.33
CA ARG A 117 4.19 26.56 5.20
C ARG A 117 3.84 26.70 3.73
N ALA A 118 4.29 25.72 2.94
CA ALA A 118 4.08 25.75 1.51
C ALA A 118 2.76 25.22 1.02
N ILE A 119 2.26 24.15 1.62
CA ILE A 119 1.03 23.58 1.13
C ILE A 119 0.35 22.65 2.10
N LYS A 120 -0.98 22.70 2.07
CA LYS A 120 -1.83 21.87 2.90
C LYS A 120 -2.39 20.78 2.01
N ILE A 121 -2.29 19.53 2.46
CA ILE A 121 -2.77 18.40 1.67
C ILE A 121 -3.89 17.69 2.39
N THR A 122 -4.98 17.44 1.69
CA THR A 122 -6.11 16.75 2.31
C THR A 122 -6.69 15.72 1.35
N VAL A 123 -7.63 14.90 1.83
CA VAL A 123 -8.21 13.89 0.99
C VAL A 123 -9.09 14.51 -0.09
N ASP A 124 -9.83 15.56 0.25
CA ASP A 124 -10.68 16.22 -0.71
C ASP A 124 -9.93 17.31 -1.43
N GLY A 125 -9.32 18.19 -0.64
CA GLY A 125 -8.59 19.29 -1.22
C GLY A 125 -9.57 20.43 -1.41
N PRO A 126 -9.16 21.50 -2.08
CA PRO A 126 -10.04 22.65 -2.32
C PRO A 126 -11.38 22.15 -2.83
N ARG A 127 -12.45 22.49 -2.13
CA ARG A 127 -13.76 22.01 -2.53
C ARG A 127 -14.93 23.01 -2.50
N GLU A 128 -15.87 22.80 -3.40
CA GLU A 128 -17.03 23.66 -3.49
C GLU A 128 -17.87 23.51 -2.22
N PRO A 129 -18.38 24.62 -1.66
CA PRO A 129 -19.19 24.56 -0.44
C PRO A 129 -20.41 23.67 -0.66
N ARG A 130 -20.68 22.82 0.33
CA ARG A 130 -21.78 21.87 0.27
C ARG A 130 -23.15 22.54 0.31
N PRO A 142 -25.44 -21.58 24.55
CA PRO A 142 -26.48 -21.37 23.50
C PRO A 142 -26.26 -20.16 22.59
N GLY A 143 -27.37 -19.51 22.22
CA GLY A 143 -27.36 -18.33 21.36
C GLY A 143 -26.79 -18.39 19.95
N SER A 144 -27.58 -18.03 18.95
CA SER A 144 -27.09 -18.00 17.57
C SER A 144 -27.90 -17.09 16.63
N LEU A 145 -27.26 -16.09 16.06
CA LEU A 145 -27.95 -15.16 15.16
C LEU A 145 -27.77 -15.50 13.68
N SER A 146 -28.69 -14.99 12.87
CA SER A 146 -28.73 -15.23 11.43
C SER A 146 -27.82 -14.34 10.62
N PHE A 147 -27.87 -14.55 9.30
CA PHE A 147 -27.05 -13.79 8.35
C PHE A 147 -27.39 -12.32 8.38
N SER A 148 -28.67 -12.02 8.23
CA SER A 148 -29.11 -10.64 8.25
C SER A 148 -28.48 -9.95 9.47
N GLU A 149 -28.54 -10.63 10.61
CA GLU A 149 -28.00 -10.06 11.84
C GLU A 149 -26.49 -9.94 11.82
N ARG A 150 -25.84 -10.96 11.26
CA ARG A 150 -24.38 -10.96 11.15
C ARG A 150 -23.95 -9.89 10.17
N LEU A 151 -24.60 -9.85 9.03
CA LEU A 151 -24.28 -8.84 8.02
C LEU A 151 -24.46 -7.43 8.54
N SER A 152 -25.52 -7.23 9.32
CA SER A 152 -25.78 -5.90 9.88
C SER A 152 -24.66 -5.47 10.80
N GLU A 153 -24.20 -6.37 11.64
CA GLU A 153 -23.12 -6.02 12.56
C GLU A 153 -21.88 -5.70 11.76
N LEU A 154 -21.62 -6.50 10.74
CA LEU A 154 -20.46 -6.30 9.89
C LEU A 154 -20.54 -4.97 9.15
N GLU A 155 -21.75 -4.55 8.80
CA GLU A 155 -21.89 -3.30 8.08
C GLU A 155 -21.71 -2.06 8.97
N GLN A 156 -21.63 -2.26 10.28
CA GLN A 156 -21.45 -1.13 11.19
C GLN A 156 -20.02 -1.03 11.71
N LEU A 157 -19.36 -2.18 11.81
CA LEU A 157 -17.98 -2.26 12.27
C LEU A 157 -17.35 -0.91 12.56
N ARG A 158 -16.89 -0.24 11.49
CA ARG A 158 -16.28 1.10 11.63
C ARG A 158 -17.17 2.04 12.45
N GLY B 38 -28.47 2.38 7.19
CA GLY B 38 -27.28 3.25 7.33
C GLY B 38 -26.30 3.05 6.20
N PRO B 39 -25.00 3.29 6.46
CA PRO B 39 -23.90 3.16 5.48
C PRO B 39 -23.76 1.69 5.07
N ILE B 40 -23.61 1.46 3.77
CA ILE B 40 -23.46 0.11 3.26
C ILE B 40 -22.40 0.16 2.16
N GLN B 41 -21.52 -0.84 2.13
CA GLN B 41 -20.51 -0.90 1.09
C GLN B 41 -21.00 -1.89 0.04
N LEU B 42 -20.53 -1.72 -1.19
CA LEU B 42 -20.93 -2.60 -2.27
C LEU B 42 -20.75 -4.08 -1.98
N TRP B 43 -19.55 -4.49 -1.53
CA TRP B 43 -19.34 -5.91 -1.27
C TRP B 43 -20.30 -6.43 -0.24
N GLN B 44 -20.73 -5.57 0.67
CA GLN B 44 -21.67 -5.99 1.72
C GLN B 44 -23.07 -6.14 1.15
N PHE B 45 -23.42 -5.28 0.20
CA PHE B 45 -24.73 -5.35 -0.43
C PHE B 45 -24.86 -6.66 -1.18
N LEU B 46 -23.87 -6.93 -2.04
CA LEU B 46 -23.85 -8.15 -2.83
C LEU B 46 -23.98 -9.33 -1.89
N LEU B 47 -23.28 -9.24 -0.76
CA LEU B 47 -23.30 -10.31 0.22
C LEU B 47 -24.68 -10.53 0.80
N GLU B 48 -25.47 -9.46 0.86
CA GLU B 48 -26.82 -9.56 1.38
C GLU B 48 -27.64 -10.36 0.38
N LEU B 49 -27.56 -9.95 -0.88
CA LEU B 49 -28.28 -10.62 -1.95
C LEU B 49 -27.92 -12.10 -2.02
N LEU B 50 -26.63 -12.39 -1.95
CA LEU B 50 -26.16 -13.77 -2.04
C LEU B 50 -26.56 -14.65 -0.86
N THR B 51 -27.14 -14.08 0.19
CA THR B 51 -27.55 -14.88 1.34
C THR B 51 -29.06 -14.89 1.45
N ASP B 52 -29.71 -14.43 0.38
CA ASP B 52 -31.16 -14.37 0.30
C ASP B 52 -31.60 -15.24 -0.87
N LYS B 53 -32.21 -16.38 -0.57
CA LYS B 53 -32.67 -17.29 -1.59
C LYS B 53 -33.48 -16.57 -2.68
N SER B 54 -34.28 -15.60 -2.28
CA SER B 54 -35.13 -14.84 -3.20
C SER B 54 -34.39 -14.06 -4.29
N CYS B 55 -33.07 -13.93 -4.18
CA CYS B 55 -32.31 -13.17 -5.17
C CYS B 55 -31.53 -14.00 -6.16
N GLN B 56 -31.51 -15.30 -5.94
CA GLN B 56 -30.79 -16.24 -6.78
C GLN B 56 -31.08 -16.22 -8.27
N SER B 57 -32.10 -15.47 -8.67
CA SER B 57 -32.46 -15.38 -10.09
C SER B 57 -31.62 -14.37 -10.85
N PHE B 58 -31.10 -13.35 -10.15
CA PHE B 58 -30.28 -12.36 -10.82
C PHE B 58 -28.84 -12.31 -10.28
N ILE B 59 -28.62 -12.99 -9.16
CA ILE B 59 -27.29 -13.07 -8.55
C ILE B 59 -27.18 -14.35 -7.73
N SER B 60 -26.10 -15.09 -7.95
CA SER B 60 -25.95 -16.35 -7.24
C SER B 60 -24.53 -16.86 -7.16
N TRP B 61 -24.33 -17.82 -6.26
CA TRP B 61 -23.03 -18.44 -6.04
C TRP B 61 -22.79 -19.49 -7.13
N THR B 62 -21.58 -19.52 -7.70
CA THR B 62 -21.29 -20.49 -8.73
C THR B 62 -21.15 -21.92 -8.17
N GLY B 63 -20.71 -22.04 -6.93
CA GLY B 63 -20.56 -23.36 -6.33
C GLY B 63 -19.11 -23.62 -5.99
N ASP B 64 -18.20 -22.86 -6.58
CA ASP B 64 -16.76 -22.98 -6.32
C ASP B 64 -16.34 -21.96 -5.28
N GLY B 65 -16.27 -22.40 -4.02
CA GLY B 65 -15.86 -21.52 -2.94
C GLY B 65 -16.70 -20.27 -2.77
N TRP B 66 -16.03 -19.10 -2.79
CA TRP B 66 -16.72 -17.82 -2.64
C TRP B 66 -16.96 -17.12 -3.97
N GLU B 67 -16.88 -17.85 -5.08
CA GLU B 67 -17.10 -17.27 -6.40
C GLU B 67 -18.60 -17.07 -6.62
N PHE B 68 -18.97 -16.02 -7.35
CA PHE B 68 -20.39 -15.77 -7.59
C PHE B 68 -20.57 -15.14 -8.95
N LYS B 69 -21.78 -15.27 -9.49
CA LYS B 69 -22.08 -14.70 -10.80
C LYS B 69 -23.27 -13.78 -10.76
N LEU B 70 -23.20 -12.70 -11.53
CA LEU B 70 -24.30 -11.75 -11.64
C LEU B 70 -25.05 -12.12 -12.93
N SER B 71 -25.98 -13.08 -12.84
CA SER B 71 -26.73 -13.48 -14.04
C SER B 71 -27.55 -12.35 -14.66
N ASP B 72 -27.95 -11.36 -13.87
CA ASP B 72 -28.71 -10.21 -14.40
C ASP B 72 -28.08 -8.93 -13.86
N PRO B 73 -26.90 -8.57 -14.38
CA PRO B 73 -26.19 -7.37 -13.96
C PRO B 73 -27.08 -6.15 -13.82
N ASP B 74 -27.91 -5.92 -14.83
CA ASP B 74 -28.82 -4.77 -14.79
C ASP B 74 -29.68 -4.76 -13.55
N GLU B 75 -30.22 -5.91 -13.18
CA GLU B 75 -31.06 -5.95 -12.00
C GLU B 75 -30.26 -5.64 -10.74
N VAL B 76 -29.04 -6.18 -10.66
CA VAL B 76 -28.20 -5.95 -9.50
C VAL B 76 -27.89 -4.47 -9.37
N ALA B 77 -27.55 -3.85 -10.49
CA ALA B 77 -27.24 -2.44 -10.49
C ALA B 77 -28.46 -1.63 -10.09
N ARG B 78 -29.64 -2.10 -10.49
CA ARG B 78 -30.86 -1.38 -10.18
C ARG B 78 -31.08 -1.33 -8.67
N ARG B 79 -30.92 -2.49 -8.03
CA ARG B 79 -31.10 -2.58 -6.59
C ARG B 79 -30.00 -1.82 -5.86
N TRP B 80 -28.78 -1.93 -6.38
CA TRP B 80 -27.66 -1.22 -5.79
C TRP B 80 -27.96 0.26 -5.86
N GLY B 81 -28.49 0.70 -6.99
CA GLY B 81 -28.83 2.10 -7.16
C GLY B 81 -29.89 2.51 -6.17
N LYS B 82 -30.87 1.63 -5.99
CA LYS B 82 -31.98 1.86 -5.08
C LYS B 82 -31.51 1.88 -3.63
N ARG B 83 -30.52 1.07 -3.29
CA ARG B 83 -30.02 1.03 -1.93
C ARG B 83 -29.25 2.29 -1.57
N LYS B 84 -28.47 2.78 -2.52
CA LYS B 84 -27.65 3.97 -2.34
C LYS B 84 -28.36 5.24 -2.78
N ASN B 85 -29.56 5.09 -3.33
CA ASN B 85 -30.31 6.23 -3.81
C ASN B 85 -29.53 6.94 -4.93
N LYS B 86 -29.32 6.21 -6.03
CA LYS B 86 -28.60 6.73 -7.20
C LYS B 86 -29.32 6.13 -8.40
N PRO B 87 -30.45 6.75 -8.80
CA PRO B 87 -31.30 6.34 -9.93
C PRO B 87 -30.55 5.99 -11.21
N LYS B 88 -29.53 6.76 -11.54
CA LYS B 88 -28.78 6.52 -12.75
C LYS B 88 -27.74 5.40 -12.64
N MET B 89 -27.84 4.57 -11.61
CA MET B 89 -26.86 3.49 -11.42
C MET B 89 -27.04 2.32 -12.36
N ASN B 90 -25.94 1.88 -12.98
CA ASN B 90 -25.96 0.75 -13.91
C ASN B 90 -24.76 -0.16 -13.62
N TYR B 91 -24.69 -1.29 -14.31
CA TYR B 91 -23.58 -2.23 -14.11
C TYR B 91 -22.25 -1.63 -14.49
N GLU B 92 -22.26 -0.83 -15.53
CA GLU B 92 -21.04 -0.19 -15.99
C GLU B 92 -20.34 0.51 -14.83
N LYS B 93 -21.13 1.12 -13.95
CA LYS B 93 -20.59 1.84 -12.82
C LYS B 93 -20.41 0.97 -11.60
N LEU B 94 -21.31 0.02 -11.43
CA LEU B 94 -21.20 -0.88 -10.30
C LEU B 94 -19.91 -1.68 -10.45
N SER B 95 -19.58 -2.06 -11.68
CA SER B 95 -18.39 -2.84 -11.94
C SER B 95 -17.13 -2.05 -11.60
N ARG B 96 -17.18 -0.72 -11.77
CA ARG B 96 -16.02 0.10 -11.44
C ARG B 96 -15.74 -0.03 -9.94
N GLY B 97 -16.81 -0.06 -9.15
CA GLY B 97 -16.68 -0.20 -7.72
C GLY B 97 -16.02 -1.53 -7.38
N LEU B 98 -16.43 -2.59 -8.06
CA LEU B 98 -15.86 -3.91 -7.80
C LEU B 98 -14.38 -3.90 -8.15
N ARG B 99 -14.03 -3.20 -9.22
CA ARG B 99 -12.62 -3.15 -9.63
C ARG B 99 -11.77 -2.45 -8.59
N TYR B 100 -12.39 -1.61 -7.74
CA TYR B 100 -11.63 -0.91 -6.70
C TYR B 100 -11.23 -1.89 -5.61
N TYR B 101 -11.94 -3.00 -5.52
CA TYR B 101 -11.66 -4.00 -4.52
C TYR B 101 -10.49 -4.90 -4.90
N TYR B 102 -10.18 -4.99 -6.19
CA TYR B 102 -9.08 -5.84 -6.64
C TYR B 102 -7.82 -5.61 -5.81
N ASP B 103 -7.45 -4.35 -5.68
CA ASP B 103 -6.25 -3.98 -4.95
C ASP B 103 -6.40 -4.16 -3.43
N LYS B 104 -7.61 -3.97 -2.93
CA LYS B 104 -7.85 -4.09 -1.50
C LYS B 104 -8.11 -5.51 -1.02
N ASN B 105 -7.89 -6.48 -1.91
CA ASN B 105 -8.10 -7.89 -1.59
C ASN B 105 -9.41 -8.23 -0.91
N ILE B 106 -10.49 -7.76 -1.51
CA ILE B 106 -11.83 -8.02 -1.00
C ILE B 106 -12.53 -8.87 -2.06
N ILE B 107 -12.48 -8.41 -3.30
CA ILE B 107 -13.08 -9.14 -4.41
C ILE B 107 -12.15 -9.16 -5.59
N HIS B 108 -12.05 -10.32 -6.24
CA HIS B 108 -11.25 -10.47 -7.45
C HIS B 108 -12.12 -10.94 -8.59
N LYS B 109 -11.69 -10.64 -9.80
CA LYS B 109 -12.44 -11.03 -10.99
C LYS B 109 -12.02 -12.43 -11.41
N THR B 110 -12.97 -13.23 -11.87
CA THR B 110 -12.63 -14.56 -12.36
C THR B 110 -12.40 -14.39 -13.86
N ALA B 111 -11.15 -14.57 -14.28
CA ALA B 111 -10.77 -14.40 -15.67
C ALA B 111 -11.54 -15.26 -16.66
N GLY B 112 -11.98 -14.63 -17.73
CA GLY B 112 -12.72 -15.33 -18.78
C GLY B 112 -14.19 -15.61 -18.54
N LYS B 113 -14.70 -15.39 -17.33
CA LYS B 113 -16.10 -15.66 -17.07
C LYS B 113 -16.91 -14.37 -16.85
N ARG B 114 -17.66 -14.00 -17.88
CA ARG B 114 -18.50 -12.80 -17.87
C ARG B 114 -19.34 -12.72 -16.59
N TYR B 115 -19.29 -11.55 -15.94
CA TYR B 115 -20.04 -11.29 -14.70
C TYR B 115 -19.69 -12.17 -13.51
N VAL B 116 -18.51 -12.78 -13.53
CA VAL B 116 -18.14 -13.65 -12.42
C VAL B 116 -16.99 -13.09 -11.60
N TYR B 117 -17.24 -12.96 -10.29
CA TYR B 117 -16.24 -12.45 -9.39
C TYR B 117 -16.09 -13.39 -8.20
N ARG B 118 -15.10 -13.13 -7.35
CA ARG B 118 -14.93 -13.99 -6.19
C ARG B 118 -14.54 -13.21 -4.97
N PHE B 119 -15.19 -13.49 -3.86
CA PHE B 119 -14.84 -12.84 -2.61
C PHE B 119 -13.52 -13.45 -2.23
N VAL B 120 -12.50 -12.61 -2.08
CA VAL B 120 -11.19 -13.12 -1.72
C VAL B 120 -10.80 -12.78 -0.29
N CYS B 121 -11.70 -12.09 0.42
CA CYS B 121 -11.42 -11.80 1.82
C CYS B 121 -11.88 -13.06 2.57
N ASP B 122 -11.63 -13.13 3.87
CA ASP B 122 -12.00 -14.32 4.62
C ASP B 122 -13.45 -14.36 5.12
N LEU B 123 -14.38 -14.60 4.20
CA LEU B 123 -15.78 -14.64 4.56
C LEU B 123 -16.10 -15.69 5.61
N GLN B 124 -15.23 -16.67 5.77
CA GLN B 124 -15.49 -17.70 6.75
C GLN B 124 -15.37 -17.13 8.16
N SER B 125 -14.35 -16.33 8.40
CA SER B 125 -14.17 -15.72 9.72
C SER B 125 -15.21 -14.64 9.95
N LEU B 126 -15.58 -13.93 8.90
CA LEU B 126 -16.55 -12.87 9.01
C LEU B 126 -17.96 -13.39 9.24
N LEU B 127 -18.31 -14.51 8.62
CA LEU B 127 -19.65 -15.05 8.76
C LEU B 127 -19.75 -16.34 9.55
N GLY B 128 -18.63 -17.01 9.76
CA GLY B 128 -18.65 -18.26 10.51
C GLY B 128 -19.21 -19.46 9.77
N TYR B 129 -19.14 -19.48 8.45
CA TYR B 129 -19.63 -20.61 7.69
C TYR B 129 -18.66 -20.98 6.59
N THR B 130 -18.49 -22.28 6.38
CA THR B 130 -17.60 -22.74 5.33
C THR B 130 -18.40 -22.59 4.04
N PRO B 131 -17.72 -22.35 2.92
CA PRO B 131 -18.46 -22.19 1.67
C PRO B 131 -19.60 -23.20 1.48
N GLU B 132 -19.41 -24.44 1.93
CA GLU B 132 -20.45 -25.45 1.79
C GLU B 132 -21.63 -25.19 2.71
N GLU B 133 -21.38 -25.10 4.01
CA GLU B 133 -22.46 -24.85 4.96
C GLU B 133 -23.34 -23.74 4.44
N LEU B 134 -22.70 -22.68 3.95
CA LEU B 134 -23.43 -21.55 3.41
C LEU B 134 -24.21 -21.99 2.19
N HIS B 135 -23.52 -22.62 1.25
CA HIS B 135 -24.15 -23.11 0.03
C HIS B 135 -25.38 -23.95 0.34
N ALA B 136 -25.28 -24.77 1.38
CA ALA B 136 -26.39 -25.62 1.79
C ALA B 136 -27.59 -24.78 2.19
N MET B 137 -27.43 -23.96 3.23
CA MET B 137 -28.50 -23.12 3.71
C MET B 137 -29.18 -22.33 2.58
N LEU B 138 -28.43 -22.06 1.52
CA LEU B 138 -28.96 -21.32 0.39
C LEU B 138 -29.35 -22.23 -0.78
N ASP B 139 -29.22 -23.53 -0.58
CA ASP B 139 -29.55 -24.53 -1.60
C ASP B 139 -28.84 -24.23 -2.91
N VAL B 140 -27.52 -24.13 -2.84
CA VAL B 140 -26.71 -23.83 -4.01
C VAL B 140 -26.42 -25.05 -4.87
N LYS B 141 -26.73 -24.95 -6.16
CA LYS B 141 -26.48 -26.03 -7.10
C LYS B 141 -25.24 -25.72 -7.94
N PRO B 142 -24.25 -26.64 -7.99
CA PRO B 142 -23.01 -26.46 -8.76
C PRO B 142 -23.28 -25.88 -10.14
N ASP B 143 -22.47 -24.91 -10.54
CA ASP B 143 -22.64 -24.18 -11.80
C ASP B 143 -22.01 -24.60 -13.13
N ALA B 144 -21.04 -25.50 -13.15
CA ALA B 144 -20.44 -25.87 -14.43
C ALA B 144 -19.63 -27.16 -14.41
N VAL E 5 -11.84 -18.43 36.49
CA VAL E 5 -12.01 -19.53 35.51
C VAL E 5 -11.08 -19.22 34.32
N GLU E 6 -9.77 -19.18 34.62
CA GLU E 6 -8.70 -18.88 33.66
C GLU E 6 -7.99 -20.12 33.11
N VAL E 7 -8.68 -21.24 33.13
CA VAL E 7 -8.18 -22.48 32.58
C VAL E 7 -9.43 -23.05 31.94
N LEU E 8 -9.80 -22.37 30.87
CA LEU E 8 -10.90 -22.65 29.98
C LEU E 8 -10.08 -22.33 28.76
N ALA E 9 -9.01 -23.10 28.64
CA ALA E 9 -8.06 -22.95 27.56
C ALA E 9 -7.43 -24.28 27.29
N ASP E 10 -7.32 -24.58 26.01
CA ASP E 10 -6.73 -25.82 25.55
C ASP E 10 -5.43 -26.08 26.31
N HIS E 11 -4.65 -25.03 26.57
CA HIS E 11 -3.39 -25.23 27.27
C HIS E 11 -2.97 -24.19 28.31
N PRO E 12 -2.04 -24.58 29.20
CA PRO E 12 -1.48 -23.78 30.29
C PRO E 12 -0.97 -22.40 29.89
N GLY E 13 -1.35 -21.40 30.67
CA GLY E 13 -0.92 -20.05 30.40
C GLY E 13 -1.25 -19.51 29.02
N GLU E 14 -2.13 -20.19 28.28
CA GLU E 14 -2.50 -19.75 26.94
C GLU E 14 -3.43 -18.55 26.95
N LEU E 15 -4.29 -18.46 27.95
CA LEU E 15 -5.23 -17.35 28.06
C LEU E 15 -4.88 -16.44 29.22
N VAL E 16 -5.25 -15.18 29.09
CA VAL E 16 -5.00 -14.18 30.12
C VAL E 16 -6.26 -13.34 30.28
N ARG E 17 -6.43 -12.73 31.44
CA ARG E 17 -7.60 -11.90 31.71
C ARG E 17 -7.48 -10.51 31.12
N THR E 18 -8.60 -9.96 30.70
CA THR E 18 -8.60 -8.62 30.14
C THR E 18 -9.05 -7.69 31.25
N ASP E 19 -9.05 -6.38 31.01
CA ASP E 19 -9.47 -5.42 32.01
C ASP E 19 -10.94 -5.68 32.37
N SER E 20 -11.60 -6.51 31.56
CA SER E 20 -13.01 -6.83 31.79
C SER E 20 -13.18 -8.25 32.31
N PRO E 21 -14.07 -8.44 33.30
CA PRO E 21 -14.33 -9.74 33.90
C PRO E 21 -15.07 -10.73 32.99
N ASN E 22 -15.58 -10.25 31.87
CA ASN E 22 -16.34 -11.12 30.98
C ASN E 22 -15.55 -11.70 29.82
N PHE E 23 -14.31 -11.31 29.65
CA PHE E 23 -13.54 -11.82 28.54
C PHE E 23 -12.11 -12.24 28.81
N LEU E 24 -11.63 -13.18 28.02
CA LEU E 24 -10.27 -13.66 28.13
C LEU E 24 -9.74 -13.70 26.69
N CYS E 25 -8.43 -13.59 26.53
CA CYS E 25 -7.87 -13.66 25.19
C CYS E 25 -6.50 -14.34 25.22
N SER E 26 -6.08 -14.84 24.07
CA SER E 26 -4.79 -15.50 23.98
C SER E 26 -3.67 -14.60 24.51
N VAL E 27 -2.62 -15.24 24.99
CA VAL E 27 -1.46 -14.53 25.48
C VAL E 27 -0.65 -14.26 24.21
N LEU E 28 -0.25 -13.01 24.02
CA LEU E 28 0.51 -12.63 22.84
C LEU E 28 2.00 -12.59 23.07
N PRO E 29 2.79 -12.87 22.03
CA PRO E 29 4.24 -12.85 22.19
C PRO E 29 4.55 -11.43 22.61
N THR E 30 5.48 -11.27 23.55
CA THR E 30 5.85 -9.93 24.02
C THR E 30 6.48 -9.05 22.93
N HIS E 31 7.15 -9.70 21.97
CA HIS E 31 7.80 -9.00 20.87
C HIS E 31 7.66 -9.85 19.62
N TRP E 32 7.23 -9.26 18.51
CA TRP E 32 7.05 -10.03 17.29
C TRP E 32 7.42 -9.22 16.05
N ARG E 33 7.66 -9.92 14.95
CA ARG E 33 8.02 -9.27 13.68
C ARG E 33 6.76 -8.79 13.01
N CYS E 34 6.81 -7.63 12.37
CA CYS E 34 5.60 -7.15 11.75
C CYS E 34 5.30 -7.88 10.48
N ASN E 35 4.01 -8.11 10.27
CA ASN E 35 3.47 -8.81 9.11
C ASN E 35 3.76 -10.30 9.13
N LYS E 36 4.08 -10.80 10.32
CA LYS E 36 4.38 -12.20 10.47
C LYS E 36 3.27 -12.91 11.23
N THR E 37 2.99 -14.13 10.81
CA THR E 37 1.95 -14.90 11.46
C THR E 37 2.36 -15.14 12.89
N LEU E 38 1.39 -15.09 13.80
CA LEU E 38 1.66 -15.31 15.19
C LEU E 38 1.92 -16.77 15.48
N PRO E 39 2.65 -17.06 16.58
CA PRO E 39 2.95 -18.44 16.96
C PRO E 39 1.67 -19.19 17.32
N ILE E 40 0.72 -18.49 17.93
CA ILE E 40 -0.55 -19.11 18.28
C ILE E 40 -1.73 -18.38 17.66
N ALA E 41 -2.87 -19.06 17.52
CA ALA E 41 -4.06 -18.44 16.93
C ALA E 41 -4.70 -17.55 17.99
N PHE E 42 -4.73 -16.25 17.75
CA PHE E 42 -5.33 -15.36 18.73
C PHE E 42 -6.81 -15.65 18.93
N LYS E 43 -7.21 -15.78 20.19
CA LYS E 43 -8.59 -16.06 20.54
C LYS E 43 -9.13 -15.05 21.54
N VAL E 44 -10.44 -14.88 21.54
CA VAL E 44 -11.08 -14.01 22.50
C VAL E 44 -12.15 -14.93 23.05
N VAL E 45 -12.10 -15.21 24.35
CA VAL E 45 -13.08 -16.09 24.96
C VAL E 45 -14.06 -15.32 25.79
N ALA E 46 -15.34 -15.65 25.66
CA ALA E 46 -16.40 -14.97 26.39
C ALA E 46 -16.90 -15.83 27.53
N LEU E 47 -16.86 -15.28 28.73
CA LEU E 47 -17.33 -15.98 29.92
C LEU E 47 -18.85 -15.95 29.98
N GLY E 48 -19.44 -14.83 29.57
CA GLY E 48 -20.89 -14.70 29.55
C GLY E 48 -21.48 -15.27 28.25
N ASP E 49 -22.81 -15.26 28.16
CA ASP E 49 -23.47 -15.79 26.97
C ASP E 49 -23.48 -14.77 25.82
N VAL E 50 -22.77 -15.12 24.75
CA VAL E 50 -22.69 -14.29 23.57
C VAL E 50 -23.04 -15.16 22.39
N PRO E 51 -24.11 -14.81 21.67
CA PRO E 51 -24.60 -15.54 20.51
C PRO E 51 -23.59 -15.81 19.40
N ASP E 52 -23.77 -16.92 18.72
CA ASP E 52 -22.86 -17.29 17.64
C ASP E 52 -23.08 -16.35 16.48
N GLY E 53 -22.00 -15.77 15.98
CA GLY E 53 -22.08 -14.87 14.86
C GLY E 53 -21.71 -13.46 15.25
N THR E 54 -21.73 -13.20 16.56
CA THR E 54 -21.38 -11.88 17.08
C THR E 54 -19.97 -11.54 16.65
N LEU E 55 -19.77 -10.38 16.04
CA LEU E 55 -18.44 -9.98 15.60
C LEU E 55 -17.53 -9.50 16.72
N VAL E 56 -16.23 -9.64 16.49
CA VAL E 56 -15.23 -9.25 17.46
C VAL E 56 -14.10 -8.63 16.68
N THR E 57 -13.70 -7.43 17.08
CA THR E 57 -12.59 -6.81 16.37
C THR E 57 -11.50 -6.45 17.34
N VAL E 58 -10.34 -6.16 16.77
CA VAL E 58 -9.20 -5.85 17.58
C VAL E 58 -8.52 -4.63 17.00
N MET E 59 -8.12 -3.72 17.89
CA MET E 59 -7.41 -2.55 17.45
C MET E 59 -6.19 -2.49 18.32
N ALA E 60 -5.07 -2.11 17.72
CA ALA E 60 -3.81 -2.03 18.43
C ALA E 60 -3.39 -0.58 18.40
N GLY E 61 -2.73 -0.15 19.45
CA GLY E 61 -2.30 1.23 19.49
C GLY E 61 -1.58 1.60 20.75
N ASN E 62 -1.05 2.82 20.76
CA ASN E 62 -0.33 3.38 21.90
C ASN E 62 -0.02 4.83 21.57
N ASP E 63 0.92 5.43 22.30
CA ASP E 63 1.30 6.81 22.08
C ASP E 63 1.85 7.10 20.70
N GLU E 64 2.52 6.11 20.10
CA GLU E 64 3.08 6.27 18.76
C GLU E 64 1.98 6.18 17.72
N ASN E 65 1.26 5.06 17.73
CA ASN E 65 0.17 4.82 16.81
C ASN E 65 -1.17 4.78 17.53
N TYR E 66 -1.97 5.83 17.38
CA TYR E 66 -3.26 5.83 18.03
C TYR E 66 -3.91 4.51 17.59
N SER E 67 -3.70 4.16 16.32
CA SER E 67 -4.22 2.92 15.78
C SER E 67 -3.23 2.33 14.78
N ALA E 68 -2.94 1.04 14.92
CA ALA E 68 -1.97 0.43 14.03
C ALA E 68 -2.59 -0.51 13.01
N GLU E 69 -2.09 -0.46 11.79
CA GLU E 69 -2.57 -1.33 10.74
C GLU E 69 -2.41 -2.78 11.13
N LEU E 70 -3.53 -3.49 11.11
CA LEU E 70 -3.57 -4.90 11.43
C LEU E 70 -4.10 -5.63 10.21
N ARG E 71 -4.06 -6.96 10.24
CA ARG E 71 -4.62 -7.78 9.18
C ARG E 71 -5.43 -8.87 9.88
N ASN E 72 -6.64 -9.10 9.37
CA ASN E 72 -7.52 -10.12 9.93
C ASN E 72 -7.90 -9.83 11.36
N ALA E 73 -8.11 -8.56 11.67
CA ALA E 73 -8.45 -8.15 13.02
C ALA E 73 -9.93 -8.25 13.33
N THR E 74 -10.65 -9.09 12.59
CA THR E 74 -12.10 -9.28 12.80
C THR E 74 -12.47 -10.74 12.74
N ALA E 75 -13.18 -11.25 13.75
CA ALA E 75 -13.59 -12.64 13.75
C ALA E 75 -14.99 -12.82 14.34
N ALA E 76 -15.64 -13.91 13.96
CA ALA E 76 -16.98 -14.21 14.43
C ALA E 76 -16.97 -15.14 15.63
N MET E 77 -17.78 -14.81 16.62
CA MET E 77 -17.88 -15.57 17.85
C MET E 77 -18.61 -16.88 17.59
N LYS E 78 -18.05 -17.98 18.06
CA LYS E 78 -18.71 -19.27 17.93
C LYS E 78 -18.46 -20.12 19.15
N ASN E 79 -19.53 -20.43 19.86
CA ASN E 79 -19.45 -21.24 21.07
C ASN E 79 -18.59 -20.52 22.10
N GLN E 80 -18.96 -19.28 22.40
CA GLN E 80 -18.23 -18.50 23.39
C GLN E 80 -16.81 -18.12 22.97
N VAL E 81 -16.40 -18.50 21.77
CA VAL E 81 -15.05 -18.17 21.34
C VAL E 81 -14.92 -17.54 19.95
N ALA E 82 -14.13 -16.47 19.87
CA ALA E 82 -13.87 -15.80 18.60
C ALA E 82 -12.44 -16.16 18.21
N ARG E 83 -12.31 -16.92 17.13
CA ARG E 83 -11.01 -17.38 16.68
C ARG E 83 -10.52 -16.63 15.45
N PHE E 84 -9.55 -15.75 15.65
CA PHE E 84 -8.98 -15.00 14.55
C PHE E 84 -8.05 -15.90 13.76
N ASN E 85 -8.23 -15.88 12.44
CA ASN E 85 -7.43 -16.69 11.57
C ASN E 85 -6.23 -15.92 11.05
N ASP E 86 -5.07 -16.19 11.64
CA ASP E 86 -3.87 -15.54 11.18
C ASP E 86 -3.91 -14.02 11.34
N LEU E 87 -4.17 -13.56 12.56
CA LEU E 87 -4.17 -12.13 12.86
C LEU E 87 -2.73 -11.67 12.76
N ARG E 88 -2.50 -10.50 12.18
CA ARG E 88 -1.14 -9.99 12.06
C ARG E 88 -1.05 -8.52 12.39
N PHE E 89 0.15 -8.06 12.73
CA PHE E 89 0.34 -6.66 13.02
C PHE E 89 1.24 -6.09 11.93
N VAL E 90 0.76 -5.07 11.25
CA VAL E 90 1.54 -4.49 10.17
C VAL E 90 2.27 -3.27 10.68
N GLY E 91 1.54 -2.44 11.42
CA GLY E 91 2.12 -1.23 11.97
C GLY E 91 3.04 -1.52 13.15
N ARG E 92 4.16 -0.80 13.24
CA ARG E 92 5.10 -0.98 14.34
C ARG E 92 4.66 -0.17 15.55
N SER E 93 5.17 -0.54 16.73
CA SER E 93 4.77 0.12 17.95
C SER E 93 5.73 1.18 18.48
N GLY E 94 6.90 1.26 17.88
CA GLY E 94 7.86 2.26 18.33
C GLY E 94 8.92 1.58 19.18
N ARG E 95 10.14 2.09 19.11
CA ARG E 95 11.25 1.52 19.86
C ARG E 95 10.95 1.41 21.35
N GLY E 96 11.14 0.19 21.87
CA GLY E 96 10.92 -0.06 23.28
C GLY E 96 9.49 0.17 23.75
N LYS E 97 8.53 0.13 22.83
CA LYS E 97 7.14 0.35 23.22
C LYS E 97 6.25 -0.82 22.80
N SER E 98 5.09 -0.93 23.41
CA SER E 98 4.16 -2.00 23.10
C SER E 98 2.78 -1.45 22.76
N PHE E 99 1.95 -2.31 22.16
CA PHE E 99 0.59 -1.91 21.81
C PHE E 99 -0.38 -2.39 22.87
N THR E 100 -1.45 -1.63 23.04
CA THR E 100 -2.47 -2.06 23.96
C THR E 100 -3.50 -2.55 22.98
N LEU E 101 -4.17 -3.65 23.27
CA LEU E 101 -5.20 -4.12 22.36
C LEU E 101 -6.56 -3.75 22.93
N THR E 102 -7.49 -3.43 22.05
CA THR E 102 -8.84 -3.12 22.49
C THR E 102 -9.72 -4.13 21.78
N ILE E 103 -10.44 -4.91 22.56
CA ILE E 103 -11.32 -5.92 22.00
C ILE E 103 -12.75 -5.43 22.09
N THR E 104 -13.40 -5.31 20.94
CA THR E 104 -14.77 -4.86 20.92
C THR E 104 -15.61 -6.05 20.49
N VAL E 105 -16.52 -6.46 21.38
CA VAL E 105 -17.40 -7.57 21.11
C VAL E 105 -18.75 -6.97 20.75
N PHE E 106 -19.09 -7.03 19.47
CA PHE E 106 -20.31 -6.42 19.01
C PHE E 106 -21.68 -6.95 19.41
N THR E 107 -21.90 -7.03 20.72
CA THR E 107 -23.19 -7.44 21.25
C THR E 107 -23.94 -6.11 21.32
N ASN E 108 -25.19 -6.13 21.74
CA ASN E 108 -25.96 -4.89 21.85
C ASN E 108 -26.46 -4.68 23.26
N PRO E 109 -25.92 -3.67 23.97
CA PRO E 109 -24.88 -2.77 23.46
C PRO E 109 -23.49 -3.42 23.40
N PRO E 110 -22.56 -2.81 22.64
CA PRO E 110 -21.20 -3.30 22.48
C PRO E 110 -20.46 -3.41 23.80
N GLN E 111 -19.47 -4.30 23.86
CA GLN E 111 -18.66 -4.50 25.05
C GLN E 111 -17.18 -4.34 24.73
N VAL E 112 -16.48 -3.54 25.51
CA VAL E 112 -15.05 -3.33 25.30
C VAL E 112 -14.16 -3.99 26.35
N ALA E 113 -13.11 -4.64 25.89
CA ALA E 113 -12.17 -5.31 26.79
C ALA E 113 -10.77 -4.91 26.36
N THR E 114 -9.92 -4.59 27.32
CA THR E 114 -8.58 -4.17 26.97
C THR E 114 -7.49 -5.04 27.54
N TYR E 115 -6.42 -5.17 26.74
CA TYR E 115 -5.23 -5.96 27.06
C TYR E 115 -4.08 -4.96 26.92
N HIS E 116 -3.67 -4.37 28.05
CA HIS E 116 -2.60 -3.36 28.12
C HIS E 116 -1.18 -3.87 27.90
N ARG E 117 -0.34 -3.03 27.30
CA ARG E 117 1.05 -3.40 27.02
C ARG E 117 1.12 -4.87 26.62
N ALA E 118 0.36 -5.20 25.58
CA ALA E 118 0.28 -6.56 25.11
C ALA E 118 1.40 -7.05 24.19
N ILE E 119 1.88 -6.22 23.27
CA ILE E 119 2.91 -6.67 22.36
C ILE E 119 3.63 -5.53 21.66
N LYS E 120 4.91 -5.76 21.40
CA LYS E 120 5.79 -4.79 20.74
C LYS E 120 6.00 -5.33 19.35
N ILE E 121 5.80 -4.48 18.35
CA ILE E 121 5.94 -4.88 16.95
C ILE E 121 7.08 -4.12 16.30
N THR E 122 8.00 -4.85 15.66
CA THR E 122 9.11 -4.19 14.99
C THR E 122 9.30 -4.80 13.62
N VAL E 123 10.20 -4.23 12.83
CA VAL E 123 10.44 -4.74 11.50
C VAL E 123 11.18 -6.06 11.54
N ASP E 124 12.10 -6.22 12.48
CA ASP E 124 12.84 -7.47 12.60
C ASP E 124 12.13 -8.39 13.56
N GLY E 125 11.77 -7.85 14.72
CA GLY E 125 11.14 -8.65 15.74
C GLY E 125 12.24 -9.39 16.51
N PRO E 126 11.87 -10.33 17.37
CA PRO E 126 12.82 -11.12 18.17
C PRO E 126 13.98 -11.59 17.28
N ARG E 127 15.20 -11.17 17.62
CA ARG E 127 16.35 -11.53 16.80
C ARG E 127 17.59 -12.06 17.52
N GLU E 128 18.30 -12.94 16.83
CA GLU E 128 19.53 -13.53 17.36
C GLU E 128 20.56 -12.42 17.47
N PRO E 129 21.31 -12.39 18.59
CA PRO E 129 22.33 -11.36 18.76
C PRO E 129 23.35 -11.40 17.62
N ARG E 130 23.66 -10.23 17.07
CA ARG E 130 24.60 -10.11 15.96
C ARG E 130 26.01 -10.60 16.33
N GLY E 143 27.66 23.69 -17.31
CA GLY E 143 28.34 22.52 -16.66
C GLY E 143 27.52 21.25 -16.79
N SER E 144 28.18 20.10 -16.83
CA SER E 144 27.45 18.84 -16.98
C SER E 144 28.22 17.61 -16.50
N LEU E 145 27.60 16.81 -15.63
CA LEU E 145 28.26 15.62 -15.12
C LEU E 145 27.78 14.35 -15.83
N SER E 146 28.60 13.30 -15.75
CA SER E 146 28.35 12.01 -16.38
C SER E 146 27.42 11.10 -15.62
N PHE E 147 27.21 9.91 -16.20
CA PHE E 147 26.36 8.88 -15.61
C PHE E 147 26.92 8.44 -14.28
N SER E 148 28.17 8.03 -14.29
CA SER E 148 28.83 7.59 -13.08
C SER E 148 28.52 8.60 -11.97
N GLU E 149 28.69 9.88 -12.29
CA GLU E 149 28.45 10.93 -11.29
C GLU E 149 26.98 11.05 -10.90
N ARG E 150 26.10 10.93 -11.90
CA ARG E 150 24.65 11.02 -11.65
C ARG E 150 24.20 9.79 -10.86
N LEU E 151 24.70 8.62 -11.24
CA LEU E 151 24.30 7.42 -10.53
C LEU E 151 24.80 7.46 -9.10
N SER E 152 25.97 8.03 -8.89
CA SER E 152 26.52 8.11 -7.54
C SER E 152 25.64 8.96 -6.65
N GLU E 153 25.19 10.09 -7.18
CA GLU E 153 24.34 10.97 -6.42
C GLU E 153 23.03 10.29 -6.11
N LEU E 154 22.50 9.58 -7.10
CA LEU E 154 21.23 8.88 -6.94
C LEU E 154 21.37 7.78 -5.88
N GLU E 155 22.54 7.16 -5.80
CA GLU E 155 22.76 6.08 -4.84
C GLU E 155 22.90 6.54 -3.39
N GLN E 156 23.02 7.84 -3.17
CA GLN E 156 23.15 8.38 -1.82
C GLN E 156 21.82 8.91 -1.30
N LEU E 157 20.87 9.13 -2.21
CA LEU E 157 19.54 9.62 -1.85
C LEU E 157 18.86 8.72 -0.80
N SER F 37 33.15 1.17 -1.48
CA SER F 37 31.78 0.61 -1.33
C SER F 37 30.80 1.64 -0.78
N GLY F 38 29.52 1.30 -0.87
CA GLY F 38 28.50 2.19 -0.38
C GLY F 38 27.17 1.52 -0.61
N PRO F 39 26.15 1.85 0.20
CA PRO F 39 24.89 1.18 -0.05
C PRO F 39 24.48 1.35 -1.51
N ILE F 40 24.12 0.24 -2.15
CA ILE F 40 23.69 0.26 -3.54
C ILE F 40 22.46 -0.62 -3.64
N GLN F 41 21.46 -0.16 -4.39
CA GLN F 41 20.26 -0.94 -4.54
C GLN F 41 20.36 -1.63 -5.87
N LEU F 42 19.73 -2.80 -5.99
CA LEU F 42 19.78 -3.55 -7.23
C LEU F 42 19.41 -2.77 -8.49
N TRP F 43 18.28 -2.08 -8.51
CA TRP F 43 17.91 -1.33 -9.72
C TRP F 43 18.95 -0.28 -10.08
N GLN F 44 19.68 0.21 -9.08
CA GLN F 44 20.71 1.21 -9.34
C GLN F 44 21.95 0.55 -9.94
N PHE F 45 22.25 -0.67 -9.51
CA PHE F 45 23.39 -1.41 -10.01
C PHE F 45 23.16 -1.70 -11.48
N LEU F 46 21.99 -2.21 -11.80
CA LEU F 46 21.64 -2.53 -13.18
C LEU F 46 21.79 -1.29 -14.02
N LEU F 47 21.34 -0.18 -13.45
CA LEU F 47 21.39 1.08 -14.14
C LEU F 47 22.82 1.48 -14.43
N GLU F 48 23.74 1.12 -13.54
CA GLU F 48 25.14 1.42 -13.76
C GLU F 48 25.61 0.66 -14.98
N LEU F 49 25.36 -0.64 -14.99
CA LEU F 49 25.76 -1.50 -16.10
C LEU F 49 25.15 -1.03 -17.41
N LEU F 50 23.90 -0.62 -17.37
CA LEU F 50 23.22 -0.19 -18.57
C LEU F 50 23.72 1.13 -19.11
N THR F 51 24.52 1.87 -18.33
CA THR F 51 25.02 3.14 -18.83
C THR F 51 26.51 3.07 -19.14
N ASP F 52 27.02 1.85 -19.19
CA ASP F 52 28.44 1.58 -19.46
C ASP F 52 28.52 0.70 -20.69
N LYS F 53 28.96 1.28 -21.81
CA LYS F 53 29.07 0.55 -23.06
C LYS F 53 29.77 -0.81 -22.91
N SER F 54 30.77 -0.88 -22.05
CA SER F 54 31.53 -2.11 -21.83
C SER F 54 30.73 -3.29 -21.29
N CYS F 55 29.49 -3.06 -20.88
CA CYS F 55 28.69 -4.14 -20.30
C CYS F 55 27.59 -4.67 -21.21
N GLN F 56 27.44 -4.03 -22.37
CA GLN F 56 26.43 -4.38 -23.34
C GLN F 56 26.45 -5.83 -23.85
N SER F 57 27.47 -6.59 -23.46
CA SER F 57 27.58 -7.98 -23.89
C SER F 57 26.73 -8.92 -23.02
N PHE F 58 26.55 -8.57 -21.75
CA PHE F 58 25.76 -9.39 -20.86
C PHE F 58 24.48 -8.70 -20.36
N ILE F 59 24.36 -7.41 -20.64
CA ILE F 59 23.18 -6.65 -20.24
C ILE F 59 23.04 -5.41 -21.13
N SER F 60 21.85 -5.21 -21.70
CA SER F 60 21.67 -4.08 -22.59
C SER F 60 20.22 -3.65 -22.75
N TRP F 61 20.04 -2.47 -23.33
CA TRP F 61 18.73 -1.90 -23.58
C TRP F 61 18.15 -2.56 -24.81
N THR F 62 16.85 -2.84 -24.80
CA THR F 62 16.19 -3.47 -25.94
C THR F 62 15.98 -2.49 -27.09
N GLY F 63 15.76 -1.23 -26.75
CA GLY F 63 15.54 -0.23 -27.78
C GLY F 63 14.16 0.38 -27.61
N ASP F 64 13.31 -0.32 -26.88
CA ASP F 64 11.95 0.12 -26.60
C ASP F 64 11.87 0.85 -25.24
N GLY F 65 11.95 2.17 -25.27
CA GLY F 65 11.89 2.94 -24.03
C GLY F 65 12.94 2.52 -23.01
N TRP F 66 12.48 2.24 -21.79
CA TRP F 66 13.37 1.84 -20.70
C TRP F 66 13.45 0.35 -20.49
N GLU F 67 13.03 -0.43 -21.48
CA GLU F 67 13.08 -1.88 -21.36
C GLU F 67 14.51 -2.35 -21.56
N PHE F 68 14.90 -3.44 -20.90
CA PHE F 68 16.26 -3.95 -21.03
C PHE F 68 16.28 -5.45 -20.91
N LYS F 69 17.35 -6.06 -21.42
CA LYS F 69 17.48 -7.51 -21.36
C LYS F 69 18.79 -7.97 -20.74
N LEU F 70 18.71 -9.04 -19.96
CA LEU F 70 19.89 -9.62 -19.37
C LEU F 70 20.30 -10.80 -20.25
N SER F 71 21.03 -10.51 -21.32
CA SER F 71 21.47 -11.55 -22.25
C SER F 71 22.32 -12.61 -21.57
N ASP F 72 22.99 -12.26 -20.49
CA ASP F 72 23.79 -13.23 -19.74
C ASP F 72 23.48 -13.08 -18.25
N PRO F 73 22.32 -13.61 -17.83
CA PRO F 73 21.90 -13.54 -16.43
C PRO F 73 22.98 -13.94 -15.45
N ASP F 74 23.63 -15.07 -15.71
CA ASP F 74 24.68 -15.56 -14.83
C ASP F 74 25.77 -14.52 -14.56
N GLU F 75 26.20 -13.82 -15.61
CA GLU F 75 27.24 -12.82 -15.45
C GLU F 75 26.75 -11.65 -14.59
N VAL F 76 25.52 -11.18 -14.86
CA VAL F 76 24.94 -10.08 -14.11
C VAL F 76 24.90 -10.46 -12.64
N ALA F 77 24.39 -11.65 -12.36
CA ALA F 77 24.31 -12.13 -10.99
C ALA F 77 25.69 -12.19 -10.35
N ARG F 78 26.70 -12.60 -11.12
CA ARG F 78 28.06 -12.69 -10.59
C ARG F 78 28.58 -11.34 -10.13
N ARG F 79 28.34 -10.32 -10.96
CA ARG F 79 28.81 -9.00 -10.61
C ARG F 79 27.97 -8.45 -9.46
N TRP F 80 26.66 -8.70 -9.53
CA TRP F 80 25.78 -8.25 -8.48
C TRP F 80 26.28 -8.86 -7.18
N GLY F 81 26.67 -10.12 -7.25
CA GLY F 81 27.17 -10.82 -6.06
C GLY F 81 28.45 -10.17 -5.57
N LYS F 82 29.30 -9.83 -6.52
CA LYS F 82 30.59 -9.19 -6.24
C LYS F 82 30.41 -7.77 -5.68
N ARG F 83 29.38 -7.09 -6.14
CA ARG F 83 29.11 -5.74 -5.66
C ARG F 83 28.66 -5.76 -4.21
N LYS F 84 27.76 -6.68 -3.89
CA LYS F 84 27.22 -6.82 -2.55
C LYS F 84 27.98 -7.80 -1.66
N ASN F 85 29.03 -8.40 -2.21
CA ASN F 85 29.82 -9.37 -1.47
C ASN F 85 28.94 -10.52 -1.00
N LYS F 86 28.44 -11.27 -1.96
CA LYS F 86 27.57 -12.41 -1.71
C LYS F 86 27.97 -13.40 -2.79
N PRO F 87 29.06 -14.14 -2.55
CA PRO F 87 29.62 -15.14 -3.47
C PRO F 87 28.62 -16.11 -4.02
N LYS F 88 27.64 -16.50 -3.21
CA LYS F 88 26.64 -17.46 -3.65
C LYS F 88 25.52 -16.89 -4.49
N MET F 89 25.67 -15.63 -4.91
CA MET F 89 24.62 -14.98 -5.70
C MET F 89 24.46 -15.51 -7.13
N ASN F 90 23.20 -15.71 -7.52
CA ASN F 90 22.87 -16.22 -8.86
C ASN F 90 21.63 -15.50 -9.38
N TYR F 91 21.26 -15.77 -10.63
CA TYR F 91 20.08 -15.11 -11.21
C TYR F 91 18.79 -15.47 -10.51
N GLU F 92 18.70 -16.71 -10.06
CA GLU F 92 17.50 -17.16 -9.37
C GLU F 92 17.15 -16.25 -8.20
N LYS F 93 18.19 -15.80 -7.51
CA LYS F 93 18.01 -14.92 -6.36
C LYS F 93 17.96 -13.46 -6.77
N LEU F 94 18.73 -13.10 -7.79
CA LEU F 94 18.71 -11.71 -8.25
C LEU F 94 17.31 -11.39 -8.77
N SER F 95 16.70 -12.32 -9.48
CA SER F 95 15.37 -12.12 -10.02
C SER F 95 14.34 -11.90 -8.90
N ARG F 96 14.57 -12.52 -7.74
CA ARG F 96 13.63 -12.35 -6.63
C ARG F 96 13.63 -10.88 -6.23
N GLY F 97 14.81 -10.30 -6.22
CA GLY F 97 14.95 -8.89 -5.88
C GLY F 97 14.17 -8.04 -6.86
N LEU F 98 14.25 -8.38 -8.14
CA LEU F 98 13.55 -7.62 -9.15
C LEU F 98 12.04 -7.74 -8.96
N ARG F 99 11.58 -8.93 -8.61
CA ARG F 99 10.16 -9.13 -8.41
C ARG F 99 9.62 -8.25 -7.30
N TYR F 100 10.47 -7.93 -6.33
CA TYR F 100 10.07 -7.07 -5.22
C TYR F 100 9.76 -5.66 -5.68
N TYR F 101 10.31 -5.28 -6.83
CA TYR F 101 10.10 -3.95 -7.38
C TYR F 101 8.75 -3.81 -8.07
N TYR F 102 8.17 -4.92 -8.54
CA TYR F 102 6.89 -4.87 -9.24
C TYR F 102 5.88 -4.03 -8.47
N ASP F 103 5.70 -4.38 -7.22
CA ASP F 103 4.77 -3.66 -6.36
C ASP F 103 5.18 -2.21 -6.10
N LYS F 104 6.48 -1.96 -6.00
CA LYS F 104 6.97 -0.62 -5.73
C LYS F 104 7.09 0.28 -6.96
N ASN F 105 6.57 -0.20 -8.09
CA ASN F 105 6.61 0.56 -9.33
C ASN F 105 7.94 1.14 -9.70
N ILE F 106 8.96 0.29 -9.68
CA ILE F 106 10.31 0.69 -10.04
C ILE F 106 10.64 -0.09 -11.31
N ILE F 107 10.45 -1.40 -11.27
CA ILE F 107 10.72 -2.25 -12.43
C ILE F 107 9.60 -3.24 -12.62
N HIS F 108 9.21 -3.45 -13.87
CA HIS F 108 8.16 -4.40 -14.22
C HIS F 108 8.73 -5.41 -15.19
N LYS F 109 8.14 -6.60 -15.21
CA LYS F 109 8.60 -7.64 -16.11
C LYS F 109 7.87 -7.51 -17.42
N THR F 110 8.57 -7.79 -18.52
CA THR F 110 7.97 -7.74 -19.83
C THR F 110 7.46 -9.16 -20.08
N ALA F 111 6.14 -9.30 -20.16
CA ALA F 111 5.51 -10.61 -20.36
C ALA F 111 5.98 -11.35 -21.61
N GLY F 112 6.30 -12.63 -21.43
CA GLY F 112 6.73 -13.46 -22.54
C GLY F 112 8.16 -13.36 -23.02
N LYS F 113 8.90 -12.34 -22.58
CA LYS F 113 10.27 -12.18 -23.02
C LYS F 113 11.27 -12.57 -21.93
N ARG F 114 11.87 -13.73 -22.09
CA ARG F 114 12.85 -14.23 -21.13
C ARG F 114 13.95 -13.22 -20.81
N TYR F 115 14.18 -13.01 -19.52
CA TYR F 115 15.19 -12.08 -19.02
C TYR F 115 14.96 -10.63 -19.39
N VAL F 116 13.73 -10.27 -19.73
CA VAL F 116 13.46 -8.90 -20.10
C VAL F 116 12.58 -8.18 -19.07
N TYR F 117 13.07 -7.02 -18.61
CA TYR F 117 12.36 -6.20 -17.65
C TYR F 117 12.33 -4.77 -18.15
N ARG F 118 11.59 -3.92 -17.45
CA ARG F 118 11.49 -2.53 -17.84
C ARG F 118 11.44 -1.58 -16.66
N PHE F 119 12.27 -0.55 -16.69
CA PHE F 119 12.26 0.44 -15.62
C PHE F 119 10.96 1.18 -15.82
N VAL F 120 10.12 1.21 -14.79
CA VAL F 120 8.83 1.87 -14.92
C VAL F 120 8.78 3.12 -14.07
N CYS F 121 9.88 3.44 -13.41
CA CYS F 121 9.93 4.67 -12.61
C CYS F 121 10.32 5.74 -13.62
N ASP F 122 10.36 6.98 -13.20
CA ASP F 122 10.69 8.07 -14.12
C ASP F 122 12.18 8.34 -14.34
N LEU F 123 12.86 7.42 -15.04
CA LEU F 123 14.29 7.58 -15.30
C LEU F 123 14.63 8.87 -16.01
N GLN F 124 13.66 9.48 -16.66
CA GLN F 124 13.95 10.71 -17.37
C GLN F 124 14.19 11.85 -16.39
N SER F 125 13.39 11.90 -15.33
CA SER F 125 13.56 12.95 -14.34
C SER F 125 14.76 12.64 -13.49
N LEU F 126 14.99 11.36 -13.26
CA LEU F 126 16.12 10.91 -12.45
C LEU F 126 17.46 11.14 -13.13
N LEU F 127 17.53 10.88 -14.43
CA LEU F 127 18.77 11.04 -15.16
C LEU F 127 18.85 12.24 -16.10
N GLY F 128 17.70 12.79 -16.48
CA GLY F 128 17.70 13.93 -17.36
C GLY F 128 17.93 13.62 -18.84
N TYR F 129 17.60 12.41 -19.25
CA TYR F 129 17.77 12.01 -20.65
C TYR F 129 16.54 11.28 -21.12
N THR F 130 16.14 11.54 -22.35
CA THR F 130 14.99 10.87 -22.92
C THR F 130 15.55 9.51 -23.33
N PRO F 131 14.70 8.47 -23.34
CA PRO F 131 15.19 7.14 -23.72
C PRO F 131 16.11 7.12 -24.95
N GLU F 132 15.84 7.99 -25.92
CA GLU F 132 16.67 8.07 -27.12
C GLU F 132 18.05 8.70 -26.86
N GLU F 133 18.06 9.90 -26.29
CA GLU F 133 19.31 10.59 -25.99
C GLU F 133 20.23 9.59 -25.29
N LEU F 134 19.69 8.86 -24.31
CA LEU F 134 20.46 7.88 -23.58
C LEU F 134 20.92 6.79 -24.53
N HIS F 135 19.98 6.21 -25.27
CA HIS F 135 20.29 5.15 -26.21
C HIS F 135 21.44 5.56 -27.12
N ALA F 136 21.40 6.80 -27.59
CA ALA F 136 22.43 7.34 -28.46
C ALA F 136 23.79 7.28 -27.79
N MET F 137 23.94 8.00 -26.68
CA MET F 137 25.19 8.03 -25.94
C MET F 137 25.75 6.62 -25.74
N LEU F 138 24.86 5.64 -25.64
CA LEU F 138 25.26 4.25 -25.44
C LEU F 138 25.30 3.43 -26.71
N ASP F 139 25.01 4.06 -27.84
CA ASP F 139 25.03 3.40 -29.13
C ASP F 139 24.11 2.16 -29.13
N VAL F 140 22.86 2.36 -28.71
CA VAL F 140 21.90 1.27 -28.65
C VAL F 140 21.29 0.94 -30.00
N LYS F 141 21.36 -0.33 -30.37
CA LYS F 141 20.80 -0.79 -31.65
C LYS F 141 19.47 -1.49 -31.42
N PRO F 142 18.48 -1.25 -32.30
CA PRO F 142 17.16 -1.87 -32.20
C PRO F 142 17.20 -3.38 -32.46
C1 GOL I . -8.31 -2.11 -20.59
O1 GOL I . -8.73 -3.46 -20.35
C2 GOL I . -9.39 -1.38 -21.42
O2 GOL I . -10.63 -1.41 -20.69
C3 GOL I . -9.00 0.09 -21.70
O3 GOL I . -7.63 0.21 -22.11
#